data_5G6Q
#
_entry.id   5G6Q
#
_cell.length_a   80.680
_cell.length_b   94.880
_cell.length_c   62.100
_cell.angle_alpha   90.00
_cell.angle_beta   90.00
_cell.angle_gamma   90.00
#
_symmetry.space_group_name_H-M   'P 21 21 2'
#
loop_
_entity.id
_entity.type
_entity.pdbx_description
1 polymer 'NITRIC OXIDE SYNTHASE OXYGENASE'
2 non-polymer 'PROTOPORPHYRIN IX CONTAINING FE'
3 non-polymer 5,6,7,8-TETRAHYDROBIOPTERIN
4 non-polymer 'CHLORIDE ION'
5 non-polymer 7-[[5-[(methylideneamino)methyl]pyridin-3-yl]oxymethyl]quinolin-2-amine
6 non-polymer 2-[BIS-(2-HYDROXY-ETHYL)-AMINO]-2-HYDROXYMETHYL-PROPANE-1,3-DIOL
7 non-polymer GLYCEROL
8 water water
#
_entity_poly.entity_id   1
_entity_poly.type   'polypeptide(L)'
_entity_poly.pdbx_seq_one_letter_code
;MEEKEILWNEAKAFIAACYQELGKAAEVKDRLADIKSEIDLTGSYVHTKEELEHGAKMAWRNSNRCIGRLFWNSLNVIDR
RDVRTKEEVRDALFHHIETATNNGKIRPTITIFPPEEKGEKQVEIWNHQLIRYAGYESDGERIGDPASCSLTAACEELGW
RGERTDFDLLPLIFRMKGDEQPVWYELPRSLVIEVPITHPDIEAFSDLELKWYGVPIISDMKLEVGGIHYNAAPFNGWYM
GTEIGARNLADEKRYDKLKKVASVIGIAADYNTDLWKDQALVELNKAVLHSYKKQGVSIVDHHTAASQFKRFEEQAEEAG
RKLTGDWTWLIPPISPAATHIFHRSYDNSIVKPNYFYQDKPYE
;
_entity_poly.pdbx_strand_id   A
#
loop_
_chem_comp.id
_chem_comp.type
_chem_comp.name
_chem_comp.formula
BTB non-polymer 2-[BIS-(2-HYDROXY-ETHYL)-AMINO]-2-HYDROXYMETHYL-PROPANE-1,3-DIOL 'C8 H19 N O5'
CL non-polymer 'CHLORIDE ION' 'Cl -1'
GOL non-polymer GLYCEROL 'C3 H8 O3'
H4B non-polymer 5,6,7,8-TETRAHYDROBIOPTERIN 'C9 H15 N5 O3'
HEM non-polymer 'PROTOPORPHYRIN IX CONTAINING FE' 'C34 H32 Fe N4 O4'
TUE non-polymer 7-[[5-[(methylideneamino)methyl]pyridin-3-yl]oxymethyl]quinolin-2-amine 'C17 H16 N4 O'
#
# COMPACT_ATOMS: atom_id res chain seq x y z
N GLU A 2 2.98 13.88 30.45
CA GLU A 2 2.47 12.52 30.27
C GLU A 2 2.63 12.06 28.83
N GLU A 3 2.61 13.03 27.90
CA GLU A 3 2.88 12.73 26.50
C GLU A 3 4.33 12.29 26.36
N LYS A 4 5.17 12.80 27.25
CA LYS A 4 6.57 12.40 27.32
C LYS A 4 6.71 11.05 28.03
N GLU A 5 5.59 10.45 28.41
CA GLU A 5 5.60 9.15 29.09
C GLU A 5 5.25 8.02 28.13
N ILE A 6 4.19 8.21 27.34
CA ILE A 6 3.83 7.25 26.31
C ILE A 6 5.01 7.07 25.36
N LEU A 7 5.57 8.19 24.92
CA LEU A 7 6.73 8.19 24.03
C LEU A 7 7.92 7.46 24.63
N TRP A 8 8.17 7.69 25.91
CA TRP A 8 9.29 7.07 26.62
C TRP A 8 9.12 5.56 26.77
N ASN A 9 7.90 5.12 27.07
CA ASN A 9 7.62 3.70 27.21
C ASN A 9 7.75 2.96 25.87
N GLU A 10 7.14 3.50 24.83
CA GLU A 10 7.21 2.92 23.50
C GLU A 10 8.66 2.85 23.03
N ALA A 11 9.41 3.90 23.30
CA ALA A 11 10.82 3.97 22.91
C ALA A 11 11.64 2.84 23.52
N LYS A 12 11.47 2.63 24.83
CA LYS A 12 12.16 1.56 25.55
C LYS A 12 11.85 0.20 24.96
N ALA A 13 10.58 -0.04 24.67
CA ALA A 13 10.14 -1.31 24.08
C ALA A 13 10.74 -1.51 22.68
N PHE A 14 10.71 -0.46 21.86
CA PHE A 14 11.22 -0.55 20.50
C PHE A 14 12.74 -0.72 20.44
N ILE A 15 13.46 0.15 21.15
CA ILE A 15 14.92 0.12 21.12
C ILE A 15 15.46 -1.23 21.61
N ALA A 16 14.90 -1.72 22.70
CA ALA A 16 15.30 -3.03 23.22
C ALA A 16 15.11 -4.11 22.16
N ALA A 17 13.92 -4.18 21.58
CA ALA A 17 13.60 -5.19 20.58
C ALA A 17 14.40 -5.03 19.29
N CYS A 18 14.47 -3.80 18.79
CA CYS A 18 15.21 -3.51 17.55
C CYS A 18 16.69 -3.88 17.71
N TYR A 19 17.28 -3.49 18.82
CA TYR A 19 18.70 -3.74 19.05
C TYR A 19 19.01 -5.22 19.33
N GLN A 20 18.02 -5.93 19.91
CA GLN A 20 18.15 -7.37 20.06
C GLN A 20 18.31 -8.01 18.68
N GLU A 21 17.36 -7.70 17.80
CA GLU A 21 17.32 -8.29 16.46
C GLU A 21 18.55 -7.97 15.62
N LEU A 22 19.11 -6.78 15.81
CA LEU A 22 20.31 -6.37 15.07
C LEU A 22 21.57 -6.85 15.78
N GLY A 23 21.40 -7.51 16.92
CA GLY A 23 22.52 -7.99 17.70
C GLY A 23 23.30 -6.87 18.36
N LYS A 24 22.63 -5.73 18.57
CA LYS A 24 23.26 -4.59 19.24
C LYS A 24 22.71 -4.42 20.65
N ALA A 25 22.53 -5.54 21.33
CA ALA A 25 21.89 -5.55 22.65
C ALA A 25 22.66 -4.77 23.73
N ALA A 26 23.98 -4.74 23.62
CA ALA A 26 24.82 -4.11 24.64
C ALA A 26 24.77 -2.58 24.56
N GLU A 27 24.30 -2.06 23.44
CA GLU A 27 24.26 -0.61 23.20
C GLU A 27 22.92 0.00 23.59
N VAL A 28 22.00 -0.84 24.04
CA VAL A 28 20.65 -0.41 24.42
C VAL A 28 20.66 0.62 25.55
N LYS A 29 21.35 0.27 26.64
CA LYS A 29 21.39 1.11 27.84
C LYS A 29 21.83 2.54 27.57
N ASP A 30 22.94 2.70 26.83
CA ASP A 30 23.45 4.03 26.51
C ASP A 30 22.54 4.79 25.56
N ARG A 31 22.01 4.10 24.55
CA ARG A 31 21.09 4.71 23.60
C ARG A 31 19.81 5.16 24.29
N LEU A 32 19.32 4.34 25.22
CA LEU A 32 18.14 4.68 25.99
C LEU A 32 18.37 5.91 26.87
N ALA A 33 19.62 6.09 27.31
CA ALA A 33 19.99 7.23 28.13
C ALA A 33 19.83 8.54 27.34
N ASP A 34 20.48 8.59 26.19
CA ASP A 34 20.45 9.78 25.33
C ASP A 34 19.02 10.14 24.93
N ILE A 35 18.21 9.12 24.64
CA ILE A 35 16.82 9.33 24.29
C ILE A 35 16.06 9.93 25.45
N LYS A 36 16.30 9.42 26.66
CA LYS A 36 15.65 9.91 27.86
C LYS A 36 15.90 11.40 28.07
N SER A 37 17.14 11.82 27.85
CA SER A 37 17.50 13.23 27.98
C SER A 37 16.84 14.03 26.86
N GLU A 38 16.88 13.48 25.65
CA GLU A 38 16.32 14.13 24.48
C GLU A 38 14.81 14.38 24.63
N ILE A 39 14.10 13.42 25.20
CA ILE A 39 12.67 13.58 25.45
C ILE A 39 12.43 14.64 26.52
N ASP A 40 13.25 14.60 27.58
CA ASP A 40 13.18 15.60 28.64
C ASP A 40 13.36 17.00 28.08
N LEU A 41 14.43 17.19 27.31
CA LEU A 41 14.80 18.50 26.79
C LEU A 41 13.93 18.97 25.62
N THR A 42 13.62 18.07 24.70
CA THR A 42 12.97 18.44 23.45
C THR A 42 11.50 18.02 23.31
N GLY A 43 11.11 16.98 24.04
CA GLY A 43 9.74 16.51 23.97
C GLY A 43 9.57 15.40 22.94
N SER A 44 10.67 15.00 22.32
CA SER A 44 10.66 13.92 21.34
C SER A 44 12.06 13.35 21.18
N TYR A 45 12.22 12.40 20.25
CA TYR A 45 13.54 11.87 19.93
C TYR A 45 13.68 11.52 18.45
N VAL A 46 14.91 11.48 17.98
CA VAL A 46 15.20 11.23 16.57
C VAL A 46 15.84 9.86 16.36
N HIS A 47 15.21 9.05 15.51
CA HIS A 47 15.75 7.73 15.19
C HIS A 47 17.03 7.83 14.39
N THR A 48 17.96 6.91 14.65
CA THR A 48 19.11 6.73 13.77
C THR A 48 18.58 6.10 12.49
N LYS A 49 19.36 6.14 11.41
CA LYS A 49 18.93 5.56 10.15
C LYS A 49 18.72 4.05 10.28
N GLU A 50 19.54 3.41 11.11
CA GLU A 50 19.43 1.97 11.33
C GLU A 50 18.13 1.61 12.04
N GLU A 51 17.77 2.40 13.04
CA GLU A 51 16.53 2.20 13.77
C GLU A 51 15.31 2.41 12.87
N LEU A 52 15.34 3.50 12.12
CA LEU A 52 14.24 3.84 11.21
C LEU A 52 14.05 2.76 10.16
N GLU A 53 15.14 2.33 9.54
CA GLU A 53 15.08 1.28 8.52
C GLU A 53 14.50 0.00 9.08
N HIS A 54 15.02 -0.45 10.21
CA HIS A 54 14.56 -1.69 10.81
C HIS A 54 13.13 -1.57 11.37
N GLY A 55 12.80 -0.38 11.87
CA GLY A 55 11.47 -0.12 12.39
C GLY A 55 10.42 -0.24 11.30
N ALA A 56 10.76 0.25 10.11
CA ALA A 56 9.87 0.15 8.97
C ALA A 56 9.69 -1.31 8.54
N LYS A 57 10.77 -2.07 8.65
CA LYS A 57 10.74 -3.50 8.30
C LYS A 57 9.93 -4.30 9.32
N MET A 58 10.08 -3.96 10.60
CA MET A 58 9.30 -4.59 11.66
C MET A 58 7.82 -4.30 11.48
N ALA A 59 7.51 -3.08 11.07
CA ALA A 59 6.14 -2.65 10.88
C ALA A 59 5.43 -3.47 9.79
N TRP A 60 6.14 -3.73 8.71
CA TRP A 60 5.60 -4.56 7.63
C TRP A 60 5.40 -5.98 8.14
N ARG A 61 6.39 -6.48 8.89
CA ARG A 61 6.33 -7.83 9.46
C ARG A 61 5.13 -8.00 10.39
N ASN A 62 4.68 -6.89 10.99
CA ASN A 62 3.58 -6.93 11.94
C ASN A 62 2.21 -6.62 11.32
N SER A 63 2.19 -6.36 10.02
CA SER A 63 0.93 -6.06 9.34
C SER A 63 0.08 -7.32 9.16
N ASN A 64 -0.84 -7.53 10.09
CA ASN A 64 -1.67 -8.72 10.14
C ASN A 64 -2.39 -9.08 8.84
N ARG A 65 -2.80 -8.04 8.10
CA ARG A 65 -3.62 -8.23 6.90
C ARG A 65 -2.79 -8.54 5.65
N CYS A 66 -1.48 -8.52 5.78
CA CYS A 66 -0.60 -8.66 4.62
C CYS A 66 -0.11 -10.08 4.37
N ILE A 67 -0.38 -10.58 3.17
CA ILE A 67 0.01 -11.94 2.78
C ILE A 67 1.46 -11.98 2.26
N GLY A 68 2.01 -10.82 1.94
CA GLY A 68 3.32 -10.77 1.32
C GLY A 68 4.48 -10.51 2.28
N ARG A 69 4.27 -10.80 3.55
CA ARG A 69 5.22 -10.43 4.60
C ARG A 69 6.54 -11.23 4.63
N LEU A 70 6.66 -12.25 3.79
CA LEU A 70 7.87 -13.07 3.78
C LEU A 70 9.12 -12.24 3.51
N PHE A 71 8.97 -11.21 2.70
CA PHE A 71 10.11 -10.41 2.27
C PHE A 71 10.25 -9.10 3.04
N TRP A 72 9.81 -9.13 4.29
CA TRP A 72 9.85 -7.94 5.15
C TRP A 72 11.24 -7.35 5.31
N ASN A 73 12.24 -8.22 5.35
CA ASN A 73 13.60 -7.78 5.64
C ASN A 73 14.35 -7.19 4.44
N SER A 74 13.76 -7.30 3.26
CA SER A 74 14.39 -6.78 2.06
C SER A 74 13.76 -5.47 1.60
N LEU A 75 12.97 -4.86 2.47
CA LEU A 75 12.31 -3.59 2.16
C LEU A 75 13.35 -2.49 1.92
N ASN A 76 13.17 -1.74 0.84
CA ASN A 76 14.03 -0.62 0.50
C ASN A 76 13.57 0.66 1.19
N VAL A 77 14.30 1.10 2.21
CA VAL A 77 13.89 2.26 3.00
C VAL A 77 14.61 3.55 2.60
N ILE A 78 13.85 4.52 2.13
CA ILE A 78 14.42 5.82 1.75
C ILE A 78 14.12 6.88 2.82
N ASP A 79 15.18 7.33 3.49
CA ASP A 79 15.06 8.30 4.57
C ASP A 79 15.02 9.73 4.01
N ARG A 80 13.83 10.33 4.03
CA ARG A 80 13.67 11.71 3.58
C ARG A 80 13.14 12.64 4.66
N ARG A 81 13.66 12.51 5.88
CA ARG A 81 13.26 13.35 6.99
C ARG A 81 13.85 14.76 6.85
N ASP A 82 14.64 14.97 5.81
CA ASP A 82 15.32 16.24 5.59
C ASP A 82 14.50 17.22 4.76
N VAL A 83 13.39 16.76 4.18
CA VAL A 83 12.59 17.62 3.32
C VAL A 83 11.93 18.77 4.07
N ARG A 84 11.86 19.94 3.44
CA ARG A 84 11.30 21.13 4.06
C ARG A 84 10.36 21.87 3.12
N THR A 85 10.47 21.60 1.82
CA THR A 85 9.65 22.29 0.82
C THR A 85 8.75 21.33 0.03
N LYS A 86 7.65 21.87 -0.50
CA LYS A 86 6.72 21.08 -1.29
C LYS A 86 7.35 20.59 -2.59
N GLU A 87 8.33 21.35 -3.09
CA GLU A 87 9.10 20.92 -4.25
C GLU A 87 9.91 19.66 -3.91
N GLU A 88 10.46 19.64 -2.69
CA GLU A 88 11.22 18.50 -2.23
C GLU A 88 10.33 17.28 -2.00
N VAL A 89 9.16 17.49 -1.41
CA VAL A 89 8.19 16.42 -1.23
C VAL A 89 7.76 15.86 -2.57
N ARG A 90 7.47 16.75 -3.51
CA ARG A 90 7.05 16.35 -4.85
C ARG A 90 8.10 15.50 -5.54
N ASP A 91 9.36 15.95 -5.49
CA ASP A 91 10.45 15.23 -6.14
C ASP A 91 10.77 13.91 -5.45
N ALA A 92 10.57 13.86 -4.14
CA ALA A 92 10.74 12.63 -3.38
C ALA A 92 9.67 11.61 -3.79
N LEU A 93 8.46 12.10 -4.01
CA LEU A 93 7.35 11.24 -4.43
C LEU A 93 7.54 10.76 -5.87
N PHE A 94 8.03 11.66 -6.73
CA PHE A 94 8.37 11.29 -8.11
C PHE A 94 9.45 10.21 -8.09
N HIS A 95 10.47 10.42 -7.28
CA HIS A 95 11.58 9.48 -7.18
C HIS A 95 11.12 8.10 -6.70
N HIS A 96 10.24 8.08 -5.70
CA HIS A 96 9.72 6.84 -5.17
C HIS A 96 9.07 6.02 -6.27
N ILE A 97 8.22 6.68 -7.06
CA ILE A 97 7.57 6.02 -8.20
C ILE A 97 8.61 5.42 -9.14
N GLU A 98 9.65 6.19 -9.46
CA GLU A 98 10.67 5.73 -10.40
C GLU A 98 11.45 4.52 -9.89
N THR A 99 12.02 4.63 -8.69
CA THR A 99 12.86 3.57 -8.15
C THR A 99 12.08 2.30 -7.79
N ALA A 100 10.86 2.47 -7.29
CA ALA A 100 10.03 1.33 -6.95
C ALA A 100 9.58 0.60 -8.19
N THR A 101 9.23 1.36 -9.22
CA THR A 101 8.83 0.77 -10.50
C THR A 101 9.98 -0.02 -11.11
N ASN A 102 11.17 0.60 -11.15
CA ASN A 102 12.39 -0.07 -11.61
C ASN A 102 12.20 -0.76 -12.96
N ASN A 103 11.58 -0.05 -13.90
CA ASN A 103 11.32 -0.55 -15.24
C ASN A 103 10.49 -1.83 -15.27
N GLY A 104 9.68 -2.05 -14.24
CA GLY A 104 8.84 -3.23 -14.18
C GLY A 104 9.25 -4.24 -13.13
N LYS A 105 10.55 -4.34 -12.86
CA LYS A 105 11.02 -5.23 -11.81
C LYS A 105 10.89 -4.52 -10.46
N ILE A 106 9.67 -4.50 -9.95
CA ILE A 106 9.29 -3.70 -8.79
C ILE A 106 10.11 -3.97 -7.53
N ARG A 107 10.61 -2.89 -6.92
CA ARG A 107 11.30 -2.96 -5.64
C ARG A 107 10.37 -2.47 -4.54
N PRO A 108 10.09 -3.34 -3.56
CA PRO A 108 9.32 -2.91 -2.39
C PRO A 108 10.07 -1.77 -1.69
N THR A 109 9.43 -0.60 -1.60
CA THR A 109 10.10 0.60 -1.17
C THR A 109 9.20 1.42 -0.24
N ILE A 110 9.82 2.11 0.71
CA ILE A 110 9.11 3.09 1.53
C ILE A 110 9.91 4.39 1.60
N THR A 111 9.23 5.52 1.38
CA THR A 111 9.87 6.82 1.53
C THR A 111 9.34 7.44 2.82
N ILE A 112 10.24 7.76 3.74
CA ILE A 112 9.84 8.25 5.05
C ILE A 112 10.05 9.76 5.23
N PHE A 113 8.95 10.48 5.40
CA PHE A 113 8.96 11.92 5.54
C PHE A 113 9.04 12.31 7.01
N PRO A 114 9.30 13.59 7.33
CA PRO A 114 9.40 13.98 8.74
C PRO A 114 8.13 13.63 9.51
N PRO A 115 8.29 13.15 10.75
CA PRO A 115 7.18 12.66 11.57
C PRO A 115 6.39 13.79 12.20
N GLU A 116 5.27 13.46 12.82
CA GLU A 116 4.49 14.45 13.56
C GLU A 116 5.30 14.99 14.73
N GLU A 117 5.07 16.26 15.07
CA GLU A 117 5.81 16.90 16.15
C GLU A 117 5.01 16.81 17.44
N LYS A 118 4.02 17.69 17.55
CA LYS A 118 3.11 17.73 18.69
C LYS A 118 1.86 16.98 18.29
N GLY A 119 2.01 16.07 17.31
CA GLY A 119 0.85 15.52 16.63
C GLY A 119 0.55 16.45 15.48
N GLU A 120 1.40 17.46 15.33
CA GLU A 120 1.30 18.40 14.22
C GLU A 120 2.04 17.84 13.02
N LYS A 121 1.31 17.71 11.91
CA LYS A 121 1.88 17.12 10.71
C LYS A 121 2.81 18.08 9.96
N GLN A 122 3.99 17.59 9.62
CA GLN A 122 4.93 18.36 8.81
C GLN A 122 4.49 18.27 7.36
N VAL A 123 4.15 17.06 6.94
CA VAL A 123 3.66 16.79 5.60
C VAL A 123 2.40 15.93 5.68
N GLU A 124 1.40 16.26 4.86
CA GLU A 124 0.10 15.60 4.92
C GLU A 124 -0.35 15.19 3.52
N ILE A 125 -0.18 13.90 3.21
CA ILE A 125 -0.49 13.39 1.87
C ILE A 125 -1.97 13.02 1.73
N TRP A 126 -2.61 13.57 0.70
CA TRP A 126 -4.05 13.35 0.50
C TRP A 126 -4.35 12.09 -0.32
N ASN A 127 -3.42 11.70 -1.16
CA ASN A 127 -3.59 10.51 -2.00
C ASN A 127 -3.68 9.24 -1.17
N HIS A 128 -4.58 8.33 -1.56
CA HIS A 128 -4.61 7.00 -0.97
C HIS A 128 -3.44 6.21 -1.52
N GLN A 129 -3.28 6.30 -2.83
CA GLN A 129 -2.09 5.76 -3.50
C GLN A 129 -1.51 6.83 -4.42
N LEU A 130 -0.19 6.87 -4.53
CA LEU A 130 0.48 7.86 -5.37
C LEU A 130 0.00 7.78 -6.82
N ILE A 131 -0.28 6.57 -7.27
CA ILE A 131 -0.89 6.36 -8.58
C ILE A 131 -2.28 5.76 -8.42
N ARG A 132 -3.30 6.51 -8.82
CA ARG A 132 -4.68 6.01 -8.78
C ARG A 132 -5.58 6.73 -9.77
N TYR A 133 -6.63 6.05 -10.22
CA TYR A 133 -7.55 6.59 -11.21
C TYR A 133 -8.67 7.41 -10.57
N ALA A 134 -9.04 8.50 -11.24
CA ALA A 134 -10.09 9.38 -10.76
C ALA A 134 -11.47 8.73 -10.88
N GLY A 135 -12.44 9.28 -10.17
CA GLY A 135 -13.81 8.77 -10.21
C GLY A 135 -14.82 9.89 -10.24
N TYR A 136 -15.87 9.73 -11.04
CA TYR A 136 -16.87 10.78 -11.20
C TYR A 136 -18.28 10.23 -11.11
N GLU A 137 -19.18 11.02 -10.51
CA GLU A 137 -20.58 10.64 -10.36
C GLU A 137 -21.44 11.88 -10.53
N SER A 138 -22.18 11.94 -11.64
CA SER A 138 -23.00 13.09 -11.96
C SER A 138 -24.12 12.75 -12.94
N ASP A 139 -25.35 13.10 -12.59
CA ASP A 139 -26.50 12.91 -13.48
C ASP A 139 -26.67 11.46 -13.92
N GLY A 140 -26.46 10.53 -13.00
CA GLY A 140 -26.59 9.11 -13.30
C GLY A 140 -25.44 8.57 -14.12
N GLU A 141 -24.50 9.45 -14.45
CA GLU A 141 -23.33 9.07 -15.24
C GLU A 141 -22.15 8.74 -14.33
N ARG A 142 -21.69 7.49 -14.37
CA ARG A 142 -20.54 7.09 -13.58
C ARG A 142 -19.31 6.80 -14.45
N ILE A 143 -18.19 7.43 -14.09
CA ILE A 143 -16.95 7.34 -14.85
C ILE A 143 -15.79 7.08 -13.90
N GLY A 144 -14.89 6.18 -14.30
CA GLY A 144 -13.68 5.93 -13.52
C GLY A 144 -13.89 5.07 -12.29
N ASP A 145 -13.03 5.28 -11.29
CA ASP A 145 -13.03 4.49 -10.06
C ASP A 145 -13.86 5.17 -8.97
N PRO A 146 -15.02 4.60 -8.65
CA PRO A 146 -15.94 5.15 -7.63
C PRO A 146 -15.26 5.34 -6.27
N ALA A 147 -14.25 4.52 -5.98
CA ALA A 147 -13.50 4.64 -4.74
C ALA A 147 -12.78 5.98 -4.63
N SER A 148 -12.57 6.62 -5.77
CA SER A 148 -11.84 7.88 -5.82
C SER A 148 -12.75 9.09 -6.00
N CYS A 149 -14.06 8.90 -5.92
CA CYS A 149 -15.02 9.98 -6.13
C CYS A 149 -14.81 11.20 -5.22
N SER A 150 -14.59 10.95 -3.94
CA SER A 150 -14.46 12.04 -2.96
C SER A 150 -13.14 12.80 -3.09
N LEU A 151 -12.05 12.08 -3.35
CA LEU A 151 -10.75 12.71 -3.53
C LEU A 151 -10.72 13.51 -4.84
N THR A 152 -11.36 12.97 -5.87
CA THR A 152 -11.42 13.62 -7.17
C THR A 152 -12.16 14.95 -7.08
N ALA A 153 -13.30 14.95 -6.39
CA ALA A 153 -14.07 16.18 -6.19
C ALA A 153 -13.24 17.19 -5.40
N ALA A 154 -12.44 16.69 -4.47
CA ALA A 154 -11.57 17.54 -3.67
C ALA A 154 -10.51 18.20 -4.54
N CYS A 155 -9.90 17.42 -5.42
CA CYS A 155 -8.89 17.93 -6.34
C CYS A 155 -9.49 18.95 -7.29
N GLU A 156 -10.71 18.69 -7.76
CA GLU A 156 -11.37 19.61 -8.68
C GLU A 156 -11.82 20.89 -7.98
N GLU A 157 -11.83 20.86 -6.65
CA GLU A 157 -12.10 22.07 -5.87
C GLU A 157 -10.85 22.96 -5.84
N LEU A 158 -9.71 22.38 -6.21
CA LEU A 158 -8.43 23.07 -6.11
C LEU A 158 -7.88 23.51 -7.46
N GLY A 159 -8.72 23.46 -8.49
CA GLY A 159 -8.33 23.95 -9.80
C GLY A 159 -7.89 22.88 -10.78
N TRP A 160 -7.82 21.63 -10.33
CA TRP A 160 -7.53 20.52 -11.22
C TRP A 160 -8.79 20.14 -11.96
N ARG A 161 -8.63 19.65 -13.18
CA ARG A 161 -9.76 19.14 -13.96
C ARG A 161 -9.36 17.84 -14.63
N GLY A 162 -10.15 16.79 -14.42
CA GLY A 162 -9.89 15.51 -15.03
C GLY A 162 -10.52 15.40 -16.40
N GLU A 163 -9.92 14.60 -17.27
CA GLU A 163 -10.41 14.45 -18.63
C GLU A 163 -11.68 13.61 -18.69
N ARG A 164 -11.99 12.95 -17.59
CA ARG A 164 -13.17 12.09 -17.49
C ARG A 164 -13.14 10.90 -18.43
N THR A 165 -11.96 10.30 -18.56
CA THR A 165 -11.85 8.96 -19.10
C THR A 165 -12.07 8.03 -17.92
N ASP A 166 -12.14 6.73 -18.16
CA ASP A 166 -12.29 5.79 -17.06
C ASP A 166 -10.98 5.60 -16.31
N PHE A 167 -9.91 6.20 -16.83
CA PHE A 167 -8.58 6.00 -16.25
C PHE A 167 -7.77 7.30 -16.16
N ASP A 168 -8.39 8.35 -15.65
CA ASP A 168 -7.67 9.59 -15.36
C ASP A 168 -6.70 9.38 -14.21
N LEU A 169 -5.42 9.67 -14.44
CA LEU A 169 -4.46 9.64 -13.36
C LEU A 169 -4.70 10.84 -12.44
N LEU A 170 -4.99 10.57 -11.17
CA LEU A 170 -5.13 11.62 -10.18
C LEU A 170 -3.77 12.30 -9.98
N PRO A 171 -3.78 13.61 -9.68
CA PRO A 171 -2.50 14.28 -9.43
C PRO A 171 -2.03 13.96 -8.02
N LEU A 172 -0.73 14.10 -7.77
CA LEU A 172 -0.23 14.04 -6.40
C LEU A 172 -0.80 15.25 -5.69
N ILE A 173 -1.34 15.04 -4.49
CA ILE A 173 -1.84 16.17 -3.73
C ILE A 173 -1.51 16.03 -2.24
N PHE A 174 -0.81 17.02 -1.71
CA PHE A 174 -0.38 17.01 -0.33
C PHE A 174 -0.31 18.43 0.23
N ARG A 175 -0.37 18.54 1.54
CA ARG A 175 -0.32 19.84 2.20
C ARG A 175 0.89 19.96 3.12
N MET A 176 1.58 21.09 3.03
CA MET A 176 2.73 21.35 3.88
C MET A 176 2.29 22.07 5.15
N LYS A 177 2.99 21.82 6.25
CA LYS A 177 2.72 22.50 7.51
C LYS A 177 2.77 24.01 7.34
N GLY A 178 1.76 24.71 7.81
CA GLY A 178 1.72 26.15 7.71
C GLY A 178 0.96 26.65 6.48
N ASP A 179 0.66 25.73 5.58
CA ASP A 179 -0.20 26.04 4.44
C ASP A 179 -1.63 25.65 4.76
N GLU A 180 -2.58 26.42 4.23
CA GLU A 180 -3.99 26.18 4.51
C GLU A 180 -4.55 25.17 3.51
N GLN A 181 -4.06 25.25 2.27
CA GLN A 181 -4.50 24.33 1.23
C GLN A 181 -3.39 23.41 0.78
N PRO A 182 -3.76 22.22 0.28
CA PRO A 182 -2.75 21.35 -0.32
C PRO A 182 -2.43 21.82 -1.73
N VAL A 183 -1.25 21.48 -2.24
CA VAL A 183 -0.90 21.75 -3.62
C VAL A 183 -1.10 20.46 -4.41
N TRP A 184 -1.24 20.58 -5.73
CA TRP A 184 -1.31 19.38 -6.56
C TRP A 184 -0.35 19.45 -7.74
N TYR A 185 0.25 18.30 -8.05
CA TYR A 185 1.16 18.20 -9.18
C TYR A 185 0.72 17.05 -10.10
N GLU A 186 0.52 17.36 -11.37
CA GLU A 186 0.17 16.35 -12.36
C GLU A 186 1.33 15.35 -12.51
N LEU A 187 0.99 14.07 -12.57
CA LEU A 187 2.00 13.02 -12.72
C LEU A 187 2.61 13.02 -14.12
N PRO A 188 3.96 12.99 -14.18
CA PRO A 188 4.61 12.79 -15.48
C PRO A 188 4.28 11.39 -15.96
N ARG A 189 3.72 11.27 -17.16
CA ARG A 189 3.29 9.97 -17.68
C ARG A 189 4.45 9.00 -17.82
N SER A 190 5.64 9.54 -18.09
CA SER A 190 6.84 8.74 -18.28
C SER A 190 7.22 7.94 -17.04
N LEU A 191 6.72 8.37 -15.89
CA LEU A 191 6.99 7.68 -14.62
C LEU A 191 5.99 6.57 -14.35
N VAL A 192 4.83 6.64 -14.99
CA VAL A 192 3.75 5.70 -14.71
C VAL A 192 3.65 4.57 -15.73
N ILE A 193 3.94 3.35 -15.27
CA ILE A 193 3.72 2.16 -16.09
C ILE A 193 2.29 1.68 -15.96
N GLU A 194 1.64 1.44 -17.10
CA GLU A 194 0.31 0.85 -17.10
C GLU A 194 0.32 -0.44 -17.90
N VAL A 195 -0.60 -1.34 -17.58
CA VAL A 195 -0.67 -2.64 -18.25
C VAL A 195 -2.02 -2.83 -18.91
N PRO A 196 -2.04 -2.89 -20.25
CA PRO A 196 -3.29 -3.22 -20.94
C PRO A 196 -3.66 -4.67 -20.64
N ILE A 197 -4.93 -4.93 -20.39
CA ILE A 197 -5.35 -6.28 -20.03
C ILE A 197 -5.77 -7.10 -21.25
N THR A 198 -5.03 -8.17 -21.53
CA THR A 198 -5.35 -9.10 -22.60
C THR A 198 -5.47 -10.50 -22.02
N HIS A 199 -6.07 -11.41 -22.77
CA HIS A 199 -6.21 -12.80 -22.36
C HIS A 199 -5.27 -13.67 -23.19
N PRO A 200 -4.67 -14.69 -22.56
CA PRO A 200 -3.70 -15.56 -23.25
C PRO A 200 -4.24 -16.27 -24.49
N ASP A 201 -5.54 -16.58 -24.52
CA ASP A 201 -6.11 -17.26 -25.69
C ASP A 201 -7.49 -16.77 -26.12
N ILE A 202 -8.05 -15.79 -25.40
CA ILE A 202 -9.28 -15.15 -25.83
C ILE A 202 -8.97 -13.77 -26.41
N GLU A 203 -8.89 -13.72 -27.74
CA GLU A 203 -8.45 -12.53 -28.47
C GLU A 203 -9.39 -11.35 -28.27
N ALA A 204 -10.67 -11.64 -28.04
CA ALA A 204 -11.68 -10.61 -27.93
C ALA A 204 -11.61 -9.84 -26.61
N PHE A 205 -10.82 -10.35 -25.67
CA PHE A 205 -10.73 -9.74 -24.35
C PHE A 205 -10.25 -8.28 -24.40
N SER A 206 -9.50 -7.94 -25.44
CA SER A 206 -8.97 -6.59 -25.60
C SER A 206 -10.06 -5.57 -25.95
N ASP A 207 -11.24 -6.07 -26.31
CA ASP A 207 -12.36 -5.21 -26.65
C ASP A 207 -12.87 -4.47 -25.41
N LEU A 208 -12.58 -5.02 -24.24
CA LEU A 208 -12.99 -4.40 -22.98
C LEU A 208 -12.18 -3.14 -22.70
N GLU A 209 -11.02 -3.04 -23.34
CA GLU A 209 -10.11 -1.91 -23.19
C GLU A 209 -9.78 -1.65 -21.72
N LEU A 210 -9.55 -2.73 -20.99
CA LEU A 210 -9.20 -2.65 -19.59
C LEU A 210 -7.69 -2.46 -19.43
N LYS A 211 -7.31 -1.74 -18.38
CA LYS A 211 -5.91 -1.61 -18.01
C LYS A 211 -5.81 -1.27 -16.53
N TRP A 212 -4.62 -1.44 -15.98
CA TRP A 212 -4.36 -1.02 -14.61
C TRP A 212 -2.93 -0.52 -14.50
N TYR A 213 -2.64 0.20 -13.43
CA TYR A 213 -1.30 0.71 -13.20
C TYR A 213 -0.40 -0.35 -12.58
N GLY A 214 0.91 -0.21 -12.78
CA GLY A 214 1.86 -1.23 -12.39
C GLY A 214 2.11 -1.37 -10.89
N VAL A 215 2.24 -0.24 -10.19
CA VAL A 215 2.70 -0.26 -8.82
C VAL A 215 1.72 0.35 -7.83
N PRO A 216 1.25 -0.45 -6.86
CA PRO A 216 0.38 0.04 -5.78
C PRO A 216 1.21 0.69 -4.68
N ILE A 217 1.12 2.01 -4.56
CA ILE A 217 1.92 2.73 -3.59
C ILE A 217 1.05 3.43 -2.56
N ILE A 218 0.70 2.70 -1.49
CA ILE A 218 -0.20 3.21 -0.47
C ILE A 218 0.44 4.38 0.29
N SER A 219 -0.26 5.52 0.29
CA SER A 219 0.35 6.78 0.73
C SER A 219 -0.43 7.54 1.79
N ASP A 220 -1.44 6.91 2.38
CA ASP A 220 -2.26 7.60 3.38
C ASP A 220 -2.29 6.89 4.72
N MET A 221 -1.40 5.93 4.92
CA MET A 221 -1.30 5.24 6.21
C MET A 221 -0.20 5.85 7.08
N LYS A 222 -0.30 5.62 8.38
CA LYS A 222 0.69 6.12 9.32
C LYS A 222 1.63 5.01 9.80
N LEU A 223 2.93 5.26 9.68
CA LEU A 223 3.93 4.36 10.23
C LEU A 223 4.27 4.75 11.66
N GLU A 224 4.10 3.83 12.60
CA GLU A 224 4.46 4.11 13.98
C GLU A 224 5.68 3.29 14.40
N VAL A 225 6.73 3.98 14.83
CA VAL A 225 7.96 3.33 15.28
C VAL A 225 8.42 3.92 16.61
N GLY A 226 8.33 3.14 17.67
CA GLY A 226 8.81 3.54 18.99
C GLY A 226 8.28 4.86 19.49
N GLY A 227 6.98 5.09 19.30
CA GLY A 227 6.35 6.31 19.79
C GLY A 227 6.37 7.44 18.78
N ILE A 228 7.16 7.28 17.72
CA ILE A 228 7.24 8.30 16.69
C ILE A 228 6.21 8.03 15.59
N HIS A 229 5.41 9.05 15.28
CA HIS A 229 4.34 8.91 14.31
C HIS A 229 4.73 9.47 12.95
N TYR A 230 5.16 8.59 12.04
CA TYR A 230 5.44 8.98 10.66
C TYR A 230 4.16 8.91 9.84
N ASN A 231 3.37 9.99 9.89
CA ASN A 231 2.08 10.04 9.22
C ASN A 231 2.19 10.03 7.70
N ALA A 232 3.34 10.46 7.21
CA ALA A 232 3.61 10.47 5.77
C ALA A 232 4.77 9.55 5.45
N ALA A 233 4.45 8.33 5.03
CA ALA A 233 5.46 7.35 4.65
C ALA A 233 4.93 6.38 3.62
N PRO A 234 4.82 6.82 2.36
CA PRO A 234 4.30 5.98 1.28
C PRO A 234 5.14 4.72 1.07
N PHE A 235 4.46 3.58 0.88
CA PHE A 235 5.15 2.30 0.68
C PHE A 235 4.47 1.49 -0.41
N ASN A 236 5.23 0.56 -1.00
CA ASN A 236 4.72 -0.25 -2.10
C ASN A 236 5.29 -1.66 -2.11
N GLY A 237 4.52 -2.58 -2.69
CA GLY A 237 5.02 -3.90 -3.04
C GLY A 237 4.66 -4.09 -4.50
N TRP A 238 4.57 -5.34 -4.94
CA TRP A 238 3.99 -5.64 -6.24
C TRP A 238 2.59 -6.16 -6.00
N TYR A 239 1.74 -6.12 -7.03
CA TYR A 239 0.35 -6.55 -6.88
C TYR A 239 0.24 -8.06 -6.72
N MET A 240 -0.75 -8.49 -5.94
CA MET A 240 -1.25 -9.84 -6.06
C MET A 240 -2.40 -9.73 -7.05
N GLY A 241 -2.42 -10.62 -8.05
CA GLY A 241 -3.35 -10.52 -9.15
C GLY A 241 -4.81 -10.33 -8.77
N THR A 242 -5.22 -10.98 -7.67
CA THR A 242 -6.60 -10.94 -7.21
C THR A 242 -7.07 -9.55 -6.82
N GLU A 243 -6.15 -8.72 -6.36
CA GLU A 243 -6.49 -7.35 -5.96
C GLU A 243 -7.09 -6.59 -7.13
N ILE A 244 -6.57 -6.87 -8.31
CA ILE A 244 -7.00 -6.19 -9.53
C ILE A 244 -8.15 -6.93 -10.20
N GLY A 245 -7.98 -8.24 -10.40
CA GLY A 245 -8.94 -9.04 -11.13
C GLY A 245 -10.21 -9.39 -10.37
N ALA A 246 -10.09 -9.56 -9.06
CA ALA A 246 -11.23 -10.02 -8.26
C ALA A 246 -11.88 -8.91 -7.43
N ARG A 247 -11.23 -7.75 -7.38
CA ARG A 247 -11.73 -6.64 -6.58
C ARG A 247 -11.85 -5.34 -7.36
N ASN A 248 -10.69 -4.78 -7.76
CA ASN A 248 -10.67 -3.49 -8.44
C ASN A 248 -11.51 -3.44 -9.71
N LEU A 249 -11.44 -4.51 -10.50
CA LEU A 249 -12.18 -4.57 -11.76
C LEU A 249 -13.48 -5.36 -11.63
N ALA A 250 -13.70 -5.97 -10.48
CA ALA A 250 -14.82 -6.90 -10.31
C ALA A 250 -15.94 -6.40 -9.39
N ASP A 251 -15.58 -5.73 -8.31
CA ASP A 251 -16.56 -5.21 -7.36
C ASP A 251 -17.62 -4.35 -8.04
N GLU A 252 -18.88 -4.50 -7.63
CA GLU A 252 -19.97 -3.70 -8.18
C GLU A 252 -19.77 -2.22 -7.86
N LYS A 253 -19.13 -1.95 -6.73
CA LYS A 253 -18.84 -0.58 -6.31
C LYS A 253 -17.48 -0.10 -6.81
N ARG A 254 -16.85 -0.91 -7.65
CA ARG A 254 -15.65 -0.48 -8.37
C ARG A 254 -15.93 -0.44 -9.86
N TYR A 255 -15.09 -1.09 -10.66
CA TYR A 255 -15.27 -1.04 -12.11
C TYR A 255 -16.38 -1.95 -12.64
N ASP A 256 -16.78 -2.94 -11.84
CA ASP A 256 -17.99 -3.73 -12.11
C ASP A 256 -18.01 -4.34 -13.52
N LYS A 257 -16.99 -5.12 -13.84
CA LYS A 257 -16.78 -5.56 -15.23
C LYS A 257 -17.18 -7.02 -15.53
N LEU A 258 -17.70 -7.73 -14.55
CA LEU A 258 -17.97 -9.16 -14.70
C LEU A 258 -18.96 -9.52 -15.81
N LYS A 259 -20.03 -8.73 -15.94
CA LYS A 259 -21.01 -8.94 -17.01
C LYS A 259 -20.35 -8.83 -18.38
N LYS A 260 -19.51 -7.81 -18.52
CA LYS A 260 -18.81 -7.57 -19.78
C LYS A 260 -17.74 -8.64 -20.07
N VAL A 261 -17.13 -9.15 -19.00
CA VAL A 261 -16.17 -10.24 -19.14
C VAL A 261 -16.88 -11.50 -19.63
N ALA A 262 -18.03 -11.80 -19.06
CA ALA A 262 -18.81 -12.97 -19.46
C ALA A 262 -19.17 -12.89 -20.94
N SER A 263 -19.46 -11.69 -21.42
CA SER A 263 -19.82 -11.48 -22.82
C SER A 263 -18.66 -11.78 -23.76
N VAL A 264 -17.50 -11.20 -23.48
CA VAL A 264 -16.33 -11.39 -24.35
C VAL A 264 -15.75 -12.80 -24.28
N ILE A 265 -16.01 -13.52 -23.20
CA ILE A 265 -15.56 -14.92 -23.11
C ILE A 265 -16.63 -15.87 -23.62
N GLY A 266 -17.76 -15.31 -24.04
CA GLY A 266 -18.79 -16.07 -24.72
C GLY A 266 -19.66 -16.97 -23.85
N ILE A 267 -19.94 -16.54 -22.63
CA ILE A 267 -20.86 -17.28 -21.76
C ILE A 267 -22.04 -16.41 -21.34
N ALA A 268 -23.17 -17.05 -21.07
CA ALA A 268 -24.38 -16.34 -20.66
C ALA A 268 -24.27 -15.85 -19.22
N ALA A 269 -24.86 -14.69 -18.95
CA ALA A 269 -24.90 -14.14 -17.59
C ALA A 269 -26.34 -14.09 -17.11
N ASP A 270 -27.06 -15.20 -17.29
CA ASP A 270 -28.48 -15.24 -17.00
C ASP A 270 -28.82 -16.02 -15.72
N TYR A 271 -28.06 -17.07 -15.43
CA TYR A 271 -28.41 -17.96 -14.32
C TYR A 271 -27.28 -18.10 -13.30
N ASN A 272 -27.63 -17.95 -12.01
CA ASN A 272 -26.68 -18.15 -10.94
C ASN A 272 -26.08 -19.55 -10.97
N THR A 273 -26.88 -20.53 -11.37
CA THR A 273 -26.45 -21.93 -11.38
C THR A 273 -25.39 -22.23 -12.45
N ASP A 274 -25.22 -21.33 -13.40
CA ASP A 274 -24.19 -21.47 -14.42
C ASP A 274 -22.83 -21.05 -13.87
N LEU A 275 -22.86 -20.40 -12.71
CA LEU A 275 -21.66 -19.89 -12.06
C LEU A 275 -20.85 -18.99 -12.99
N TRP A 276 -21.56 -18.11 -13.70
CA TRP A 276 -20.90 -17.27 -14.71
C TRP A 276 -20.01 -16.20 -14.10
N LYS A 277 -20.37 -15.72 -12.91
CA LYS A 277 -19.54 -14.75 -12.21
C LYS A 277 -18.21 -15.39 -11.80
N ASP A 278 -18.28 -16.64 -11.34
CA ASP A 278 -17.09 -17.37 -10.91
C ASP A 278 -16.15 -17.62 -12.09
N GLN A 279 -16.74 -18.02 -13.22
CA GLN A 279 -15.97 -18.29 -14.42
C GLN A 279 -15.35 -17.00 -14.96
N ALA A 280 -16.14 -15.92 -14.95
CA ALA A 280 -15.66 -14.63 -15.42
C ALA A 280 -14.51 -14.12 -14.56
N LEU A 281 -14.63 -14.34 -13.25
CA LEU A 281 -13.58 -13.97 -12.30
C LEU A 281 -12.27 -14.69 -12.60
N VAL A 282 -12.35 -15.99 -12.91
CA VAL A 282 -11.16 -16.77 -13.19
C VAL A 282 -10.45 -16.30 -14.45
N GLU A 283 -11.21 -16.11 -15.52
CA GLU A 283 -10.63 -15.67 -16.79
C GLU A 283 -10.04 -14.27 -16.69
N LEU A 284 -10.75 -13.39 -15.97
CA LEU A 284 -10.27 -12.03 -15.77
C LEU A 284 -8.98 -12.01 -14.96
N ASN A 285 -8.92 -12.85 -13.93
CA ASN A 285 -7.72 -12.96 -13.11
C ASN A 285 -6.55 -13.62 -13.84
N LYS A 286 -6.87 -14.55 -14.75
CA LYS A 286 -5.86 -15.17 -15.60
C LYS A 286 -5.31 -14.10 -16.55
N ALA A 287 -6.20 -13.25 -17.04
CA ALA A 287 -5.83 -12.19 -17.97
C ALA A 287 -4.87 -11.19 -17.31
N VAL A 288 -5.18 -10.79 -16.09
CA VAL A 288 -4.35 -9.84 -15.34
C VAL A 288 -2.93 -10.38 -15.14
N LEU A 289 -2.82 -11.61 -14.66
CA LEU A 289 -1.52 -12.24 -14.44
C LEU A 289 -0.74 -12.35 -15.75
N HIS A 290 -1.41 -12.83 -16.79
CA HIS A 290 -0.80 -12.96 -18.11
C HIS A 290 -0.31 -11.62 -18.64
N SER A 291 -1.11 -10.58 -18.43
CA SER A 291 -0.80 -9.25 -18.96
C SER A 291 0.42 -8.61 -18.29
N TYR A 292 0.52 -8.75 -16.96
CA TYR A 292 1.65 -8.20 -16.23
C TYR A 292 2.94 -8.95 -16.54
N LYS A 293 2.87 -10.27 -16.67
CA LYS A 293 4.03 -11.08 -17.01
C LYS A 293 4.52 -10.74 -18.41
N LYS A 294 3.57 -10.55 -19.33
CA LYS A 294 3.88 -10.27 -20.73
C LYS A 294 4.57 -8.91 -20.90
N GLN A 295 4.24 -7.96 -20.04
CA GLN A 295 4.85 -6.62 -20.13
C GLN A 295 6.09 -6.53 -19.23
N GLY A 296 6.39 -7.61 -18.52
CA GLY A 296 7.55 -7.63 -17.65
C GLY A 296 7.38 -6.75 -16.43
N VAL A 297 6.16 -6.71 -15.91
CA VAL A 297 5.88 -5.99 -14.67
C VAL A 297 5.59 -7.01 -13.58
N SER A 298 6.27 -6.85 -12.44
CA SER A 298 6.17 -7.82 -11.34
C SER A 298 4.74 -8.00 -10.84
N ILE A 299 4.39 -9.25 -10.56
CA ILE A 299 3.09 -9.61 -10.02
C ILE A 299 3.18 -11.02 -9.44
N VAL A 300 2.29 -11.33 -8.50
CA VAL A 300 2.25 -12.67 -7.93
C VAL A 300 0.82 -13.18 -7.91
N ASP A 301 0.64 -14.47 -8.18
CA ASP A 301 -0.68 -15.08 -8.09
C ASP A 301 -0.95 -15.46 -6.64
N HIS A 302 -2.22 -15.69 -6.30
CA HIS A 302 -2.58 -15.92 -4.91
C HIS A 302 -2.09 -17.26 -4.33
N HIS A 303 -1.90 -18.25 -5.19
CA HIS A 303 -1.38 -19.55 -4.74
C HIS A 303 0.08 -19.44 -4.34
N THR A 304 0.88 -18.83 -5.22
CA THR A 304 2.30 -18.62 -4.96
C THR A 304 2.51 -17.73 -3.75
N ALA A 305 1.69 -16.70 -3.64
CA ALA A 305 1.76 -15.78 -2.51
C ALA A 305 1.45 -16.49 -1.20
N ALA A 306 0.44 -17.37 -1.23
CA ALA A 306 0.06 -18.14 -0.05
C ALA A 306 1.19 -19.08 0.38
N SER A 307 1.87 -19.68 -0.60
CA SER A 307 3.00 -20.56 -0.32
C SER A 307 4.14 -19.77 0.34
N GLN A 308 4.36 -18.56 -0.16
CA GLN A 308 5.38 -17.69 0.42
C GLN A 308 5.00 -17.30 1.85
N PHE A 309 3.71 -17.08 2.08
CA PHE A 309 3.24 -16.72 3.42
C PHE A 309 3.38 -17.88 4.39
N LYS A 310 3.22 -19.11 3.88
CA LYS A 310 3.44 -20.31 4.68
C LYS A 310 4.88 -20.34 5.17
N ARG A 311 5.79 -19.94 4.30
CA ARG A 311 7.21 -19.89 4.65
C ARG A 311 7.46 -18.80 5.69
N PHE A 312 6.73 -17.69 5.59
CA PHE A 312 6.82 -16.62 6.58
C PHE A 312 6.40 -17.15 7.94
N GLU A 313 5.32 -17.95 7.96
CA GLU A 313 4.86 -18.59 9.19
C GLU A 313 5.96 -19.48 9.76
N GLU A 314 6.55 -20.29 8.90
CA GLU A 314 7.62 -21.20 9.30
C GLU A 314 8.84 -20.44 9.80
N GLN A 315 9.17 -19.34 9.11
CA GLN A 315 10.29 -18.49 9.49
C GLN A 315 10.08 -17.85 10.85
N ALA A 316 8.84 -17.44 11.11
CA ALA A 316 8.47 -16.81 12.37
C ALA A 316 8.68 -17.77 13.53
N GLU A 317 8.23 -19.01 13.36
CA GLU A 317 8.38 -20.04 14.39
C GLU A 317 9.84 -20.33 14.70
N GLU A 318 10.65 -20.47 13.65
CA GLU A 318 12.07 -20.75 13.80
C GLU A 318 12.79 -19.62 14.52
N ALA A 319 12.35 -18.38 14.28
CA ALA A 319 12.96 -17.22 14.90
C ALA A 319 12.44 -16.98 16.31
N GLY A 320 11.41 -17.73 16.70
CA GLY A 320 10.86 -17.62 18.04
C GLY A 320 9.89 -16.47 18.19
N ARG A 321 9.47 -15.89 17.06
CA ARG A 321 8.54 -14.78 17.07
C ARG A 321 7.10 -15.27 17.00
N LYS A 322 6.22 -14.66 17.78
CA LYS A 322 4.79 -14.93 17.67
C LYS A 322 4.32 -14.53 16.29
N LEU A 323 3.36 -15.29 15.75
CA LEU A 323 2.75 -14.93 14.48
C LEU A 323 1.41 -14.27 14.73
N THR A 324 1.16 -13.16 14.05
CA THR A 324 -0.15 -12.52 14.10
C THR A 324 -0.70 -12.34 12.69
N GLY A 325 -2.02 -12.36 12.56
CA GLY A 325 -2.63 -12.21 11.25
C GLY A 325 -4.14 -12.03 11.29
N ASP A 326 -4.68 -11.43 10.22
CA ASP A 326 -6.11 -11.26 10.06
C ASP A 326 -6.61 -12.22 9.00
N TRP A 327 -7.20 -13.33 9.45
CA TRP A 327 -7.69 -14.39 8.56
C TRP A 327 -8.63 -13.86 7.48
N THR A 328 -9.48 -12.91 7.85
CA THR A 328 -10.47 -12.37 6.93
C THR A 328 -9.88 -11.59 5.76
N TRP A 329 -8.64 -11.11 5.93
CA TRP A 329 -7.96 -10.37 4.88
C TRP A 329 -6.88 -11.19 4.18
N LEU A 330 -6.34 -12.16 4.89
CA LEU A 330 -5.27 -13.00 4.35
C LEU A 330 -5.77 -13.96 3.27
N ILE A 331 -6.98 -14.50 3.48
CA ILE A 331 -7.57 -15.38 2.48
C ILE A 331 -7.82 -14.60 1.19
N PRO A 332 -7.36 -15.15 0.06
CA PRO A 332 -7.60 -14.51 -1.25
C PRO A 332 -9.08 -14.56 -1.60
N PRO A 333 -9.57 -13.57 -2.38
CA PRO A 333 -10.99 -13.47 -2.72
C PRO A 333 -11.44 -14.48 -3.78
N ILE A 334 -10.51 -15.25 -4.34
CA ILE A 334 -10.91 -16.38 -5.19
C ILE A 334 -10.19 -17.66 -4.77
N SER A 335 -10.93 -18.78 -4.82
CA SER A 335 -10.46 -20.08 -4.33
C SER A 335 -9.69 -20.03 -3.01
N PRO A 336 -10.26 -19.37 -1.98
CA PRO A 336 -9.49 -19.27 -0.72
C PRO A 336 -9.25 -20.63 -0.07
N ALA A 337 -10.19 -21.56 -0.22
CA ALA A 337 -10.07 -22.88 0.39
C ALA A 337 -8.99 -23.73 -0.28
N ALA A 338 -8.45 -23.22 -1.39
CA ALA A 338 -7.36 -23.91 -2.10
C ALA A 338 -6.01 -23.52 -1.51
N THR A 339 -6.02 -22.60 -0.56
CA THR A 339 -4.80 -22.19 0.14
C THR A 339 -4.82 -22.70 1.58
N HIS A 340 -3.63 -22.86 2.15
CA HIS A 340 -3.50 -23.35 3.52
C HIS A 340 -4.06 -22.36 4.53
N ILE A 341 -4.04 -21.09 4.15
CA ILE A 341 -4.49 -20.00 5.01
C ILE A 341 -5.92 -20.22 5.50
N PHE A 342 -6.79 -20.64 4.60
CA PHE A 342 -8.19 -20.91 4.89
C PHE A 342 -8.35 -21.94 6.01
N HIS A 343 -7.44 -22.90 6.07
CA HIS A 343 -7.62 -24.07 6.94
C HIS A 343 -6.92 -23.95 8.29
N ARG A 344 -6.43 -22.76 8.62
CA ARG A 344 -5.88 -22.52 9.95
C ARG A 344 -6.32 -21.16 10.48
N SER A 345 -6.13 -20.94 11.77
CA SER A 345 -6.54 -19.70 12.40
C SER A 345 -5.34 -18.80 12.69
N TYR A 346 -5.60 -17.51 12.90
CA TYR A 346 -4.54 -16.55 13.17
C TYR A 346 -4.92 -15.61 14.31
N ASP A 347 -3.96 -15.33 15.18
CA ASP A 347 -4.13 -14.37 16.28
C ASP A 347 -4.06 -12.95 15.72
N ASN A 348 -5.13 -12.18 15.88
CA ASN A 348 -5.18 -10.84 15.27
C ASN A 348 -4.69 -9.73 16.20
N SER A 349 -3.79 -10.06 17.12
CA SER A 349 -3.26 -9.07 18.04
C SER A 349 -2.39 -8.05 17.31
N ILE A 350 -2.43 -6.81 17.78
CA ILE A 350 -1.65 -5.73 17.16
C ILE A 350 -0.30 -5.52 17.84
N VAL A 351 0.77 -5.75 17.09
CA VAL A 351 2.13 -5.55 17.58
C VAL A 351 2.76 -4.36 16.89
N LYS A 352 3.44 -3.50 17.68
CA LYS A 352 4.16 -2.37 17.12
C LYS A 352 5.66 -2.68 17.04
N PRO A 353 6.37 -2.07 16.09
CA PRO A 353 5.95 -1.12 15.03
C PRO A 353 4.92 -1.69 14.05
N ASN A 354 4.11 -0.81 13.47
CA ASN A 354 3.07 -1.21 12.54
C ASN A 354 2.59 -0.05 11.70
N TYR A 355 1.78 -0.35 10.68
CA TYR A 355 1.17 0.69 9.86
C TYR A 355 -0.30 0.82 10.23
N PHE A 356 -0.77 2.06 10.38
CA PHE A 356 -2.12 2.29 10.88
C PHE A 356 -2.96 3.16 9.95
N TYR A 357 -4.28 2.99 10.04
CA TYR A 357 -5.21 3.91 9.41
C TYR A 357 -5.14 5.24 10.14
N GLN A 358 -5.42 6.33 9.44
CA GLN A 358 -5.51 7.64 10.06
C GLN A 358 -6.60 8.45 9.36
N ASP A 359 -7.11 9.46 10.04
CA ASP A 359 -8.21 10.27 9.51
C ASP A 359 -7.81 11.01 8.24
N LYS A 360 -8.75 11.14 7.30
CA LYS A 360 -8.52 11.84 6.06
C LYS A 360 -8.83 13.33 6.21
N PRO A 361 -8.11 14.19 5.48
CA PRO A 361 -8.36 15.63 5.49
C PRO A 361 -9.48 16.04 4.54
N TYR A 362 -9.97 15.09 3.72
CA TYR A 362 -11.14 15.34 2.87
C TYR A 362 -12.29 14.43 3.29
N GLU A 363 -13.50 14.79 2.84
CA GLU A 363 -14.74 14.15 3.28
C GLU A 363 -15.03 14.38 4.77
CHA HEM B . -2.32 -5.64 2.72
CHB HEM B . -0.02 -8.23 -0.65
CHC HEM B . 4.05 -5.70 0.25
CHD HEM B . 1.90 -3.68 4.10
C1A HEM B . -2.01 -6.43 1.65
C2A HEM B . -2.99 -6.98 0.80
C3A HEM B . -2.35 -7.70 -0.14
C4A HEM B . -0.97 -7.62 0.13
CMA HEM B . -2.99 -8.48 -1.25
CAA HEM B . -4.48 -6.80 0.91
CBA HEM B . -4.87 -5.48 0.23
CGA HEM B . -6.36 -5.26 0.18
O1A HEM B . -7.15 -6.21 0.36
O2A HEM B . -6.81 -4.11 -0.04
C1B HEM B . 1.25 -7.69 -0.70
C2B HEM B . 2.17 -8.04 -1.73
C3B HEM B . 3.32 -7.36 -1.52
C4B HEM B . 3.08 -6.55 -0.29
CMB HEM B . 1.90 -9.02 -2.86
CAB HEM B . 4.54 -7.43 -2.36
CBB HEM B . 5.77 -7.27 -1.89
C1C HEM B . 3.81 -4.86 1.34
C2C HEM B . 4.65 -3.83 1.78
C3C HEM B . 4.05 -3.25 2.89
C4C HEM B . 2.82 -3.94 3.11
CMC HEM B . 5.97 -3.46 1.15
CAC HEM B . 4.55 -2.12 3.70
CBC HEM B . 5.80 -2.01 4.13
C1D HEM B . 0.56 -4.04 3.95
C2D HEM B . -0.48 -3.43 4.79
C3D HEM B . -1.65 -3.96 4.41
C4D HEM B . -1.34 -4.91 3.34
CMD HEM B . -0.27 -2.40 5.87
CAD HEM B . -3.01 -3.68 5.00
CBD HEM B . -3.62 -2.34 4.57
CGD HEM B . -4.98 -2.21 5.24
O1D HEM B . -5.95 -1.76 4.59
O2D HEM B . -5.13 -2.54 6.43
NA HEM B . -0.75 -6.82 1.22
NB HEM B . 1.81 -6.79 0.12
NC HEM B . 2.71 -4.92 2.15
ND HEM B . -0.01 -4.90 3.07
FE HEM B . 0.94 -5.94 1.84
N1 H4B C . -9.81 -8.89 2.59
C2 H4B C . -9.03 -8.10 1.80
N2 H4B C . -7.80 -8.54 1.46
N3 H4B C . -9.44 -6.89 1.36
C4 H4B C . -10.64 -6.38 1.65
O4 H4B C . -10.99 -5.25 1.24
C4A H4B C . -11.55 -7.19 2.50
C8A H4B C . -11.05 -8.50 2.96
N5 H4B C . -12.78 -6.78 2.88
N8 H4B C . -11.83 -9.30 3.74
C6 H4B C . -13.18 -7.31 4.17
C7 H4B C . -13.16 -8.83 4.09
C9 H4B C . -14.50 -6.75 4.66
O9 H4B C . -15.48 -6.79 3.62
C10 H4B C . -14.98 -7.55 5.87
C11 H4B C . -16.44 -7.26 6.18
O10 H4B C . -14.17 -7.23 7.00
CL CL D . -5.28 -1.35 -5.44
N01 TUE E . -1.17 -4.33 -2.05
C02 TUE E . 0.04 -4.75 -2.46
N02 TUE E . 0.15 -5.52 -3.58
C03 TUE E . 1.18 -4.41 -1.74
C04 TUE E . 1.06 -3.65 -0.59
C05 TUE E . -0.20 -3.22 -0.19
C06 TUE E . -0.35 -2.44 0.96
C07 TUE E . -1.62 -2.02 1.34
C08 TUE E . -2.73 -2.37 0.59
C09 TUE E . -2.58 -3.15 -0.56
C10 TUE E . -1.31 -3.57 -0.94
C11 TUE E . -4.12 -1.92 1.00
O12 TUE E . -3.99 -0.70 1.71
N21 TUE E . -5.98 1.76 3.48
C22 TUE E . -4.93 1.08 3.01
C23 TUE E . -5.09 -0.02 2.17
C24 TUE E . -6.38 -0.40 1.79
C25 TUE E . -7.45 0.32 2.29
C26 TUE E . -7.22 1.41 3.13
C27 TUE E . -8.87 -0.07 1.91
N28 TUE E . -9.15 0.34 0.53
C29 TUE E . -9.35 1.80 0.47
C1 BTB F . -6.47 -2.47 10.11
O1 BTB F . -7.66 -2.35 10.91
C2 BTB F . -5.34 -1.62 10.68
C3 BTB F . -4.51 -1.06 9.54
O3 BTB F . -3.84 -2.13 8.87
C4 BTB F . -5.93 -0.49 11.53
O4 BTB F . -5.18 0.72 11.39
N BTB F . -4.43 -2.45 11.52
C5 BTB F . -5.18 -3.22 12.52
C6 BTB F . -4.92 -4.70 12.35
O6 BTB F . -4.73 -5.02 10.97
C7 BTB F . -3.45 -1.63 12.23
C8 BTB F . -2.11 -2.34 12.37
O8 BTB F . -2.08 -3.51 11.55
C1 GOL G . 6.89 -12.43 -6.78
O1 GOL G . 6.98 -13.84 -6.49
C2 GOL G . 7.44 -12.18 -8.19
O2 GOL G . 8.87 -12.23 -8.16
C3 GOL G . 6.97 -10.82 -8.68
O3 GOL G . 7.24 -10.72 -10.08
C1 GOL H . -16.31 1.97 -14.87
O1 GOL H . -16.30 1.39 -16.18
C2 GOL H . -17.74 2.25 -14.44
O2 GOL H . -18.25 3.35 -15.20
C3 GOL H . -17.74 2.63 -12.97
O3 GOL H . -18.78 1.93 -12.28
#